data_9JJ7
#
_entry.id   9JJ7
#
_cell.length_a   97.001
_cell.length_b   81.980
_cell.length_c   51.649
_cell.angle_alpha   90.00
_cell.angle_beta   114.99
_cell.angle_gamma   90.00
#
_symmetry.space_group_name_H-M   'C 1 2 1'
#
loop_
_entity.id
_entity.type
_entity.pdbx_description
1 polymer '3C-like proteinase nsp5'
2 polymer 'Eukaryotic translation initiation factor 4 gamma 2'
3 water water
#
loop_
_entity_poly.entity_id
_entity_poly.type
_entity_poly.pdbx_seq_one_letter_code
_entity_poly.pdbx_strand_id
1 'polypeptide(L)'
;SGFRKMAFPSGKVEGCMVQVTCGTTTLNGLWLDDVVYCPRAVICTSEDMLNPNYEDLLIRKSNHNFLVQAGNVQLRVIGH
SMQNCVLKLKVDTANPKTPKYKFVRIQPGQTFSVLACYNGSPSGVYQCAMRPNFTIKGSFLNGSCGSVGFNIDYDCVSFC
YMHHMELPTGVHAGTDLEGNFYGPFVDRQTAQAAGTDTTITVNVLAWLYAAVINGDRWFLNRFTTTLNDFNLVAMKYNYE
PLTQDHVDILGPLSAQTGIAVLDMCASLKELLQNGMNGRTILGSALLEDEFTPFDVVRQCSGVTFQ
;
A
2 'polypeptide(L)' LLSQLQGQSK C
#
# COMPACT_ATOMS: atom_id res chain seq x y z
N SER A 1 16.21 -16.68 11.70
CA SER A 1 15.90 -17.24 10.39
C SER A 1 14.41 -17.18 10.08
N GLY A 2 14.09 -17.44 8.83
CA GLY A 2 12.74 -17.37 8.33
C GLY A 2 12.47 -16.03 7.65
N PHE A 3 11.48 -16.02 6.80
CA PHE A 3 11.12 -14.80 6.07
C PHE A 3 9.62 -14.77 5.89
N ARG A 4 8.95 -13.73 6.39
CA ARG A 4 7.51 -13.67 6.24
C ARG A 4 7.13 -12.29 5.67
N LYS A 5 5.95 -12.18 5.07
CA LYS A 5 5.40 -10.86 4.66
C LYS A 5 4.85 -10.23 5.93
N MET A 6 5.73 -9.47 6.58
CA MET A 6 5.57 -8.82 7.86
C MET A 6 5.02 -7.39 7.75
N ALA A 7 4.02 -7.07 8.56
CA ALA A 7 3.49 -5.71 8.60
C ALA A 7 4.06 -4.98 9.82
N PHE A 8 3.93 -3.65 9.81
CA PHE A 8 4.30 -2.89 10.99
C PHE A 8 3.26 -3.11 12.10
N PRO A 9 3.67 -3.02 13.37
CA PRO A 9 2.72 -3.18 14.47
C PRO A 9 1.71 -2.06 14.31
N SER A 10 0.42 -2.36 14.48
CA SER A 10 -0.61 -1.41 14.04
C SER A 10 -1.11 -0.51 15.15
N GLY A 11 -0.63 -0.71 16.39
CA GLY A 11 -1.21 0.00 17.53
C GLY A 11 -1.36 1.50 17.33
N LYS A 12 -0.28 2.16 16.91
CA LYS A 12 -0.32 3.61 16.75
C LYS A 12 -1.41 4.05 15.80
N VAL A 13 -1.74 3.24 14.81
CA VAL A 13 -2.77 3.60 13.84
C VAL A 13 -4.15 3.24 14.37
N GLU A 14 -4.27 2.11 15.10
CA GLU A 14 -5.54 1.74 15.68
C GLU A 14 -6.11 2.87 16.54
N GLY A 15 -5.24 3.57 17.27
CA GLY A 15 -5.70 4.63 18.15
C GLY A 15 -6.17 5.88 17.44
N CYS A 16 -6.06 5.92 16.12
CA CYS A 16 -6.58 7.03 15.33
C CYS A 16 -7.81 6.73 14.49
N MET A 17 -8.31 5.51 14.53
CA MET A 17 -9.38 5.10 13.64
C MET A 17 -10.72 5.43 14.26
N VAL A 18 -11.56 6.13 13.51
CA VAL A 18 -12.89 6.53 13.94
C VAL A 18 -13.88 6.14 12.86
N GLN A 19 -15.15 6.31 13.18
CA GLN A 19 -16.21 6.00 12.26
C GLN A 19 -16.84 7.32 11.84
N VAL A 20 -17.08 7.49 10.53
CA VAL A 20 -17.71 8.69 10.01
C VAL A 20 -18.96 8.29 9.27
N THR A 21 -20.10 8.85 9.68
CA THR A 21 -21.37 8.60 9.05
C THR A 21 -21.96 9.91 8.57
N CYS A 22 -22.44 9.90 7.33
CA CYS A 22 -23.13 11.05 6.76
C CYS A 22 -24.31 10.46 5.99
N GLY A 23 -25.52 10.74 6.47
CA GLY A 23 -26.70 10.15 5.85
C GLY A 23 -26.77 8.68 6.19
N THR A 24 -26.96 7.85 5.18
CA THR A 24 -26.92 6.40 5.37
C THR A 24 -25.56 5.79 5.04
N THR A 25 -24.58 6.60 4.67
CA THR A 25 -23.25 6.10 4.34
C THR A 25 -22.34 6.14 5.57
N THR A 26 -21.70 5.02 5.86
CA THR A 26 -20.73 4.93 6.94
C THR A 26 -19.40 4.46 6.36
N LEU A 27 -18.32 5.05 6.85
CA LEU A 27 -16.96 4.65 6.49
C LEU A 27 -16.00 5.04 7.60
N ASN A 28 -14.72 4.82 7.36
CA ASN A 28 -13.70 5.03 8.37
C ASN A 28 -13.03 6.37 8.18
N GLY A 29 -12.62 6.97 9.29
CA GLY A 29 -11.83 8.17 9.26
C GLY A 29 -10.58 8.04 10.12
N LEU A 30 -9.65 8.95 9.86
CA LEU A 30 -8.35 9.02 10.51
C LEU A 30 -8.33 10.29 11.35
N TRP A 31 -8.26 10.12 12.68
CA TRP A 31 -8.35 11.21 13.65
C TRP A 31 -6.96 11.55 14.17
N LEU A 32 -6.44 12.71 13.76
CA LEU A 32 -5.11 13.14 14.13
C LEU A 32 -5.25 14.57 14.63
N ASP A 33 -4.78 14.83 15.85
CA ASP A 33 -4.99 16.15 16.50
C ASP A 33 -6.49 16.42 16.43
N ASP A 34 -6.91 17.61 15.98
CA ASP A 34 -8.35 17.95 16.00
C ASP A 34 -8.98 17.82 14.60
N VAL A 35 -8.44 16.96 13.74
CA VAL A 35 -8.98 16.76 12.40
C VAL A 35 -9.24 15.28 12.16
N VAL A 36 -10.37 14.99 11.55
CA VAL A 36 -10.71 13.66 11.05
C VAL A 36 -10.63 13.71 9.51
N TYR A 37 -9.84 12.81 8.95
CA TYR A 37 -9.65 12.67 7.51
C TYR A 37 -10.42 11.45 7.02
N CYS A 38 -11.20 11.63 5.96
CA CYS A 38 -11.96 10.52 5.40
C CYS A 38 -12.21 10.77 3.92
N PRO A 39 -12.57 9.73 3.17
CA PRO A 39 -12.90 9.91 1.76
C PRO A 39 -14.12 10.82 1.58
N ARG A 40 -14.04 11.71 0.60
CA ARG A 40 -15.18 12.60 0.40
C ARG A 40 -16.39 11.85 -0.10
N ALA A 41 -16.20 10.59 -0.50
CA ALA A 41 -17.34 9.77 -0.97
C ALA A 41 -18.40 9.62 0.14
N VAL A 42 -18.03 9.88 1.39
CA VAL A 42 -19.00 9.77 2.48
C VAL A 42 -20.20 10.69 2.26
N ILE A 43 -20.02 11.81 1.53
CA ILE A 43 -21.14 12.71 1.28
C ILE A 43 -21.92 12.34 0.03
N CYS A 44 -21.41 11.38 -0.74
CA CYS A 44 -22.04 11.04 -2.04
C CYS A 44 -23.37 10.33 -1.84
N THR A 45 -24.32 10.55 -2.76
CA THR A 45 -25.65 9.90 -2.66
C THR A 45 -25.64 8.61 -3.48
N SER A 46 -26.53 7.67 -3.14
CA SER A 46 -26.59 6.37 -3.86
C SER A 46 -26.74 6.62 -5.37
N GLU A 47 -27.52 7.63 -5.76
CA GLU A 47 -27.79 7.88 -7.20
C GLU A 47 -26.68 8.75 -7.80
N ASP A 48 -25.91 9.45 -6.96
CA ASP A 48 -24.84 10.35 -7.46
C ASP A 48 -23.59 9.54 -7.79
N MET A 49 -23.55 8.26 -7.39
CA MET A 49 -22.36 7.40 -7.60
C MET A 49 -21.75 7.64 -8.99
N LEU A 50 -22.58 7.65 -10.05
CA LEU A 50 -22.05 7.79 -11.43
C LEU A 50 -21.14 9.03 -11.53
N ASN A 51 -21.68 10.22 -11.27
CA ASN A 51 -20.89 11.46 -11.42
C ASN A 51 -21.33 12.48 -10.37
N PRO A 52 -20.72 12.48 -9.16
CA PRO A 52 -21.13 13.40 -8.09
C PRO A 52 -20.32 14.70 -8.04
N ASN A 53 -20.96 15.84 -8.31
CA ASN A 53 -20.22 17.09 -8.14
C ASN A 53 -20.01 17.27 -6.65
N TYR A 54 -18.83 16.90 -6.18
CA TYR A 54 -18.58 16.92 -4.76
C TYR A 54 -18.60 18.33 -4.19
N GLU A 55 -18.25 19.35 -4.99
CA GLU A 55 -18.26 20.71 -4.46
C GLU A 55 -19.67 21.12 -4.07
N ASP A 56 -20.65 20.87 -4.95
CA ASP A 56 -22.05 21.11 -4.60
C ASP A 56 -22.46 20.30 -3.38
N LEU A 57 -22.23 18.98 -3.44
CA LEU A 57 -22.61 18.12 -2.35
C LEU A 57 -22.09 18.65 -1.02
N LEU A 58 -20.84 19.16 -0.99
CA LEU A 58 -20.29 19.62 0.28
C LEU A 58 -20.90 20.97 0.70
N ILE A 59 -21.15 21.84 -0.27
CA ILE A 59 -21.86 23.08 0.01
C ILE A 59 -23.21 22.79 0.69
N ARG A 60 -23.95 21.78 0.20
CA ARG A 60 -25.25 21.42 0.77
C ARG A 60 -25.15 20.83 2.17
N LYS A 61 -23.95 20.61 2.71
CA LYS A 61 -23.76 19.98 4.00
C LYS A 61 -23.53 21.01 5.09
N SER A 62 -23.78 20.59 6.33
CA SER A 62 -23.44 21.36 7.51
C SER A 62 -22.73 20.44 8.52
N ASN A 63 -22.05 21.07 9.49
CA ASN A 63 -21.22 20.30 10.44
C ASN A 63 -22.02 19.19 11.12
N HIS A 64 -23.28 19.47 11.48
CA HIS A 64 -24.10 18.50 12.20
C HIS A 64 -24.53 17.31 11.34
N ASN A 65 -24.29 17.35 10.03
CA ASN A 65 -24.61 16.23 9.15
C ASN A 65 -23.60 15.10 9.27
N PHE A 66 -22.41 15.37 9.83
CA PHE A 66 -21.35 14.39 9.99
C PHE A 66 -21.37 13.80 11.39
N LEU A 67 -21.75 12.53 11.48
CA LEU A 67 -21.68 11.75 12.70
C LEU A 67 -20.29 11.12 12.79
N VAL A 68 -19.47 11.56 13.75
CA VAL A 68 -18.14 11.01 13.98
C VAL A 68 -18.14 10.30 15.33
N GLN A 69 -17.75 9.02 15.32
CA GLN A 69 -17.77 8.23 16.57
C GLN A 69 -16.38 7.66 16.87
N ALA A 70 -15.73 8.13 17.94
CA ALA A 70 -14.45 7.53 18.36
C ALA A 70 -14.78 6.47 19.41
N GLY A 71 -14.90 5.20 18.99
CA GLY A 71 -15.35 4.19 19.91
C GLY A 71 -16.73 4.52 20.44
N ASN A 72 -16.82 4.78 21.74
CA ASN A 72 -18.08 5.05 22.42
C ASN A 72 -18.36 6.52 22.61
N VAL A 73 -17.49 7.39 22.13
CA VAL A 73 -17.59 8.83 22.33
C VAL A 73 -17.88 9.49 21.00
N GLN A 74 -18.92 10.31 20.95
CA GLN A 74 -19.18 11.08 19.74
C GLN A 74 -18.33 12.33 19.73
N LEU A 75 -17.71 12.62 18.57
CA LEU A 75 -16.91 13.82 18.42
C LEU A 75 -17.73 14.89 17.73
N ARG A 76 -17.65 16.11 18.24
CA ARG A 76 -18.43 17.21 17.72
C ARG A 76 -17.67 17.84 16.56
N VAL A 77 -18.28 17.83 15.38
CA VAL A 77 -17.66 18.45 14.21
C VAL A 77 -17.91 19.96 14.25
N ILE A 78 -16.84 20.74 14.19
CA ILE A 78 -16.91 22.19 14.25
C ILE A 78 -16.47 22.86 12.96
N GLY A 79 -16.06 22.11 11.95
CA GLY A 79 -15.67 22.67 10.68
C GLY A 79 -15.49 21.56 9.66
N HIS A 80 -15.69 21.86 8.38
CA HIS A 80 -15.53 20.86 7.34
C HIS A 80 -14.98 21.53 6.10
N SER A 81 -14.13 20.81 5.39
CA SER A 81 -13.51 21.35 4.19
C SER A 81 -13.01 20.21 3.33
N MET A 82 -12.91 20.48 2.04
CA MET A 82 -12.47 19.46 1.11
C MET A 82 -11.05 19.73 0.68
N GLN A 83 -10.25 18.66 0.64
CA GLN A 83 -8.89 18.70 0.09
C GLN A 83 -8.80 17.60 -0.95
N ASN A 84 -8.91 17.97 -2.22
CA ASN A 84 -8.94 17.00 -3.30
C ASN A 84 -9.97 15.91 -3.00
N CYS A 85 -9.59 14.63 -2.91
CA CYS A 85 -10.60 13.59 -2.71
C CYS A 85 -10.80 13.19 -1.25
N VAL A 86 -10.19 13.89 -0.30
CA VAL A 86 -10.44 13.61 1.10
C VAL A 86 -11.16 14.80 1.71
N LEU A 87 -11.81 14.54 2.82
CA LEU A 87 -12.56 15.57 3.47
C LEU A 87 -11.90 15.78 4.82
N LYS A 88 -11.76 17.02 5.25
CA LYS A 88 -11.18 17.34 6.55
C LYS A 88 -12.30 17.83 7.48
N LEU A 89 -12.56 17.06 8.53
CA LEU A 89 -13.61 17.36 9.51
C LEU A 89 -12.95 17.86 10.79
N LYS A 90 -13.01 19.16 11.03
CA LYS A 90 -12.47 19.69 12.28
C LYS A 90 -13.40 19.30 13.42
N VAL A 91 -12.83 18.75 14.49
CA VAL A 91 -13.61 18.35 15.65
C VAL A 91 -13.11 19.12 16.88
N ASP A 92 -13.92 19.11 17.94
CA ASP A 92 -13.65 19.96 19.11
C ASP A 92 -12.69 19.32 20.10
N THR A 93 -12.09 18.19 19.76
CA THR A 93 -11.25 17.44 20.67
C THR A 93 -10.05 16.90 19.90
N ALA A 94 -8.85 17.19 20.38
CA ALA A 94 -7.65 16.64 19.77
C ALA A 94 -7.46 15.20 20.24
N ASN A 95 -7.13 14.31 19.31
CA ASN A 95 -6.93 12.91 19.68
C ASN A 95 -5.77 12.76 20.66
N PRO A 96 -6.05 12.36 21.90
CA PRO A 96 -4.95 12.19 22.87
C PRO A 96 -3.97 11.11 22.46
N LYS A 97 -4.36 10.22 21.55
CA LYS A 97 -3.50 9.13 21.10
C LYS A 97 -2.73 9.47 19.82
N THR A 98 -2.77 10.73 19.36
CA THR A 98 -2.10 11.10 18.11
C THR A 98 -0.61 10.78 18.15
N PRO A 99 -0.11 9.92 17.28
CA PRO A 99 1.33 9.67 17.24
C PRO A 99 2.03 10.80 16.52
N LYS A 100 3.34 10.76 16.58
CA LYS A 100 4.09 11.54 15.64
C LYS A 100 3.90 11.01 14.23
N TYR A 101 3.64 11.92 13.30
CA TYR A 101 3.19 11.40 12.02
C TYR A 101 3.60 12.35 10.91
N LYS A 102 3.54 11.80 9.71
CA LYS A 102 3.79 12.56 8.49
C LYS A 102 2.85 12.03 7.43
N PHE A 103 2.52 12.90 6.47
CA PHE A 103 1.81 12.48 5.25
C PHE A 103 2.85 12.42 4.15
N VAL A 104 3.12 11.21 3.63
CA VAL A 104 4.13 11.00 2.60
C VAL A 104 3.43 10.29 1.44
N ARG A 105 3.82 10.60 0.23
CA ARG A 105 3.31 9.87 -0.91
C ARG A 105 4.38 8.86 -1.31
N ILE A 106 4.00 7.63 -1.59
CA ILE A 106 5.00 6.62 -1.93
C ILE A 106 5.08 6.47 -3.43
N GLN A 107 6.11 5.74 -3.91
CA GLN A 107 6.43 5.36 -5.27
C GLN A 107 5.99 3.94 -5.55
N PRO A 108 5.57 3.69 -6.78
CA PRO A 108 5.36 2.29 -7.21
C PRO A 108 6.59 1.48 -6.89
N GLY A 109 6.36 0.26 -6.40
CA GLY A 109 7.44 -0.58 -5.95
C GLY A 109 7.74 -0.50 -4.46
N GLN A 110 7.27 0.54 -3.78
CA GLN A 110 7.44 0.62 -2.32
C GLN A 110 6.30 -0.12 -1.61
N THR A 111 6.60 -0.60 -0.41
CA THR A 111 5.64 -1.34 0.39
C THR A 111 5.11 -0.52 1.56
N PHE A 112 4.02 -1.00 2.14
CA PHE A 112 3.42 -0.37 3.30
C PHE A 112 2.45 -1.34 3.96
N SER A 113 2.12 -1.06 5.21
CA SER A 113 1.12 -1.84 5.93
C SER A 113 -0.25 -1.22 5.79
N VAL A 114 -1.26 -2.08 5.70
CA VAL A 114 -2.66 -1.67 5.61
C VAL A 114 -3.37 -2.15 6.86
N LEU A 115 -4.07 -1.23 7.53
CA LEU A 115 -4.93 -1.61 8.64
C LEU A 115 -6.35 -1.59 8.11
N ALA A 116 -6.88 -2.76 7.77
CA ALA A 116 -8.24 -2.85 7.29
C ALA A 116 -9.20 -2.58 8.44
N CYS A 117 -10.22 -1.76 8.16
CA CYS A 117 -11.11 -1.24 9.18
CA CYS A 117 -11.12 -1.28 9.19
C CYS A 117 -12.55 -1.27 8.68
N TYR A 118 -13.47 -1.53 9.61
CA TYR A 118 -14.91 -1.51 9.35
C TYR A 118 -15.57 -0.81 10.51
N ASN A 119 -16.44 0.17 10.20
CA ASN A 119 -17.18 0.96 11.19
C ASN A 119 -16.22 1.54 12.23
N GLY A 120 -15.08 2.02 11.76
CA GLY A 120 -14.12 2.59 12.66
C GLY A 120 -13.39 1.59 13.53
N SER A 121 -13.61 0.29 13.33
CA SER A 121 -13.01 -0.73 14.18
C SER A 121 -11.98 -1.54 13.39
N PRO A 122 -10.72 -1.55 13.80
CA PRO A 122 -9.69 -2.30 13.04
C PRO A 122 -9.99 -3.79 13.01
N SER A 123 -9.85 -4.39 11.83
CA SER A 123 -10.18 -5.78 11.56
C SER A 123 -8.95 -6.67 11.31
N GLY A 124 -7.93 -6.15 10.64
CA GLY A 124 -6.75 -6.94 10.33
C GLY A 124 -5.68 -6.06 9.73
N VAL A 125 -4.45 -6.58 9.75
CA VAL A 125 -3.31 -5.86 9.23
C VAL A 125 -2.54 -6.73 8.24
N TYR A 126 -2.13 -6.14 7.12
CA TYR A 126 -1.33 -6.90 6.16
C TYR A 126 -0.42 -5.97 5.38
N GLN A 127 0.60 -6.56 4.77
CA GLN A 127 1.59 -5.81 4.01
C GLN A 127 1.29 -5.91 2.52
N CYS A 128 1.51 -4.83 1.77
CA CYS A 128 1.50 -4.99 0.32
C CYS A 128 2.37 -3.91 -0.33
N ALA A 129 2.38 -3.92 -1.65
CA ALA A 129 3.16 -2.96 -2.39
C ALA A 129 2.27 -2.13 -3.32
N MET A 130 2.70 -0.91 -3.54
CA MET A 130 2.12 -0.09 -4.61
C MET A 130 2.60 -0.66 -5.94
N ARG A 131 1.68 -1.14 -6.78
CA ARG A 131 2.06 -1.75 -8.04
C ARG A 131 2.55 -0.68 -9.02
N PRO A 132 3.38 -1.06 -10.01
CA PRO A 132 3.74 -0.13 -11.09
C PRO A 132 2.55 0.54 -11.73
N ASN A 133 1.38 -0.10 -11.77
CA ASN A 133 0.23 0.53 -12.41
C ASN A 133 -0.61 1.32 -11.42
N PHE A 134 -0.07 1.58 -10.21
CA PHE A 134 -0.66 2.42 -9.16
C PHE A 134 -1.90 1.80 -8.54
N THR A 135 -2.09 0.49 -8.64
CA THR A 135 -3.13 -0.16 -7.86
C THR A 135 -2.43 -0.90 -6.73
N ILE A 136 -3.22 -1.39 -5.78
CA ILE A 136 -2.67 -2.30 -4.78
C ILE A 136 -3.52 -3.55 -4.77
N LYS A 137 -2.90 -4.71 -4.52
CA LYS A 137 -3.67 -5.94 -4.46
C LYS A 137 -4.01 -6.13 -2.99
N GLY A 138 -5.11 -5.53 -2.55
CA GLY A 138 -5.48 -5.53 -1.16
C GLY A 138 -6.52 -6.58 -0.87
N SER A 139 -7.04 -6.53 0.36
CA SER A 139 -8.15 -7.39 0.78
C SER A 139 -9.12 -6.45 1.48
N PHE A 140 -10.20 -6.09 0.78
CA PHE A 140 -11.13 -5.08 1.26
C PHE A 140 -12.56 -5.47 0.89
N LEU A 141 -13.49 -5.26 1.82
CA LEU A 141 -14.91 -5.46 1.56
C LEU A 141 -15.65 -4.14 1.71
N ASN A 142 -16.91 -4.12 1.29
CA ASN A 142 -17.74 -2.94 1.55
C ASN A 142 -17.63 -2.52 3.00
N GLY A 143 -17.47 -1.21 3.20
CA GLY A 143 -17.26 -0.64 4.51
C GLY A 143 -15.82 -0.29 4.82
N SER A 144 -14.87 -0.75 4.01
CA SER A 144 -13.45 -0.55 4.29
C SER A 144 -12.96 0.80 3.81
N CYS A 145 -13.75 1.52 3.02
CA CYS A 145 -13.35 2.84 2.57
C CYS A 145 -12.83 3.68 3.76
N GLY A 146 -11.72 4.38 3.56
CA GLY A 146 -11.09 5.14 4.64
C GLY A 146 -10.05 4.40 5.45
N SER A 147 -9.91 3.08 5.28
CA SER A 147 -8.80 2.38 5.90
C SER A 147 -7.50 2.99 5.38
N VAL A 148 -6.44 3.00 6.21
CA VAL A 148 -5.20 3.64 5.78
C VAL A 148 -4.04 2.65 5.67
N GLY A 149 -3.06 3.07 4.85
CA GLY A 149 -1.80 2.37 4.68
C GLY A 149 -0.69 3.25 5.23
N PHE A 150 0.37 2.64 5.77
CA PHE A 150 1.38 3.38 6.51
C PHE A 150 2.67 2.61 6.61
N ASN A 151 3.73 3.34 7.00
CA ASN A 151 5.04 2.72 7.30
C ASN A 151 5.48 3.37 8.62
N ILE A 152 6.16 2.64 9.50
CA ILE A 152 6.51 3.25 10.82
C ILE A 152 8.03 3.43 10.87
N ASP A 153 8.49 4.65 11.20
CA ASP A 153 9.95 4.93 11.27
C ASP A 153 10.26 5.55 12.63
N TYR A 154 10.91 4.79 13.52
CA TYR A 154 11.28 5.32 14.85
C TYR A 154 10.06 5.95 15.52
N ASP A 155 8.97 5.18 15.68
CA ASP A 155 7.74 5.68 16.36
C ASP A 155 7.08 6.82 15.60
N CYS A 156 7.50 7.10 14.36
CA CYS A 156 6.80 8.13 13.54
C CYS A 156 6.02 7.40 12.43
N VAL A 157 4.71 7.63 12.37
CA VAL A 157 3.87 6.97 11.37
C VAL A 157 3.86 7.83 10.13
N SER A 158 4.35 7.28 9.02
CA SER A 158 4.22 7.93 7.70
C SER A 158 2.99 7.34 7.01
N PHE A 159 1.88 8.08 7.05
CA PHE A 159 0.67 7.67 6.35
C PHE A 159 0.86 7.91 4.85
N CYS A 160 0.62 6.87 4.05
CA CYS A 160 0.79 6.99 2.60
C CYS A 160 -0.43 6.62 1.78
N TYR A 161 -1.46 6.04 2.36
CA TYR A 161 -2.57 5.54 1.54
C TYR A 161 -3.86 5.66 2.35
N MET A 162 -4.90 6.12 1.68
CA MET A 162 -6.29 5.99 2.15
C MET A 162 -7.07 5.25 1.08
N HIS A 163 -7.77 4.19 1.52
CA HIS A 163 -8.54 3.34 0.58
C HIS A 163 -9.80 4.07 0.09
N HIS A 164 -10.10 3.93 -1.20
CA HIS A 164 -11.28 4.61 -1.78
C HIS A 164 -12.17 3.61 -2.52
N MET A 165 -11.59 2.76 -3.38
CA MET A 165 -12.48 1.90 -4.19
C MET A 165 -11.83 0.61 -4.74
N GLU A 166 -12.66 -0.29 -5.27
CA GLU A 166 -12.20 -1.50 -5.88
C GLU A 166 -12.49 -1.44 -7.37
N LEU A 167 -11.47 -1.78 -8.17
CA LEU A 167 -11.61 -1.76 -9.62
C LEU A 167 -12.19 -3.09 -10.08
N PRO A 168 -12.62 -3.16 -11.33
CA PRO A 168 -13.30 -4.38 -11.82
C PRO A 168 -12.46 -5.65 -11.73
N THR A 169 -11.13 -5.55 -11.78
CA THR A 169 -10.29 -6.74 -11.63
C THR A 169 -10.12 -7.17 -10.17
N GLY A 170 -10.81 -6.51 -9.24
CA GLY A 170 -10.71 -6.87 -7.84
C GLY A 170 -9.49 -6.30 -7.15
N VAL A 171 -8.75 -5.42 -7.82
CA VAL A 171 -7.65 -4.71 -7.19
C VAL A 171 -8.19 -3.37 -6.71
N HIS A 172 -7.34 -2.61 -6.03
CA HIS A 172 -7.81 -1.51 -5.21
C HIS A 172 -7.09 -0.21 -5.55
N ALA A 173 -7.81 0.89 -5.40
CA ALA A 173 -7.27 2.21 -5.71
C ALA A 173 -7.60 3.16 -4.58
N GLY A 174 -6.69 4.09 -4.33
CA GLY A 174 -6.91 5.09 -3.32
C GLY A 174 -6.00 6.27 -3.51
N THR A 175 -5.89 7.07 -2.44
CA THR A 175 -5.23 8.36 -2.49
C THR A 175 -4.13 8.42 -1.44
N ASP A 176 -3.27 9.43 -1.60
CA ASP A 176 -2.43 9.77 -0.47
C ASP A 176 -3.30 10.55 0.52
N LEU A 177 -2.72 10.95 1.66
CA LEU A 177 -3.53 11.61 2.69
C LEU A 177 -3.78 13.08 2.39
N GLU A 178 -3.22 13.60 1.32
CA GLU A 178 -3.67 14.90 0.79
C GLU A 178 -4.84 14.75 -0.17
N GLY A 179 -5.32 13.53 -0.37
CA GLY A 179 -6.47 13.26 -1.20
C GLY A 179 -6.21 13.14 -2.69
N ASN A 180 -4.94 13.01 -3.10
CA ASN A 180 -4.58 12.87 -4.51
C ASN A 180 -4.46 11.40 -4.85
N PHE A 181 -5.25 10.94 -5.84
CA PHE A 181 -5.17 9.54 -6.23
C PHE A 181 -3.81 9.08 -6.67
N TYR A 182 -3.52 7.84 -6.32
CA TYR A 182 -2.45 7.09 -6.95
C TYR A 182 -2.98 6.59 -8.28
N GLY A 183 -2.38 7.00 -9.36
CA GLY A 183 -2.78 6.50 -10.66
C GLY A 183 -3.97 7.24 -11.22
N PRO A 184 -4.39 6.85 -12.42
CA PRO A 184 -5.37 7.66 -13.18
C PRO A 184 -6.80 7.26 -12.85
N PHE A 185 -7.15 7.34 -11.57
CA PHE A 185 -8.45 6.87 -11.09
C PHE A 185 -9.18 8.03 -10.43
N VAL A 186 -10.52 7.91 -10.41
CA VAL A 186 -11.37 8.99 -9.86
C VAL A 186 -12.36 8.36 -8.86
N ASP A 187 -12.90 9.16 -7.94
CA ASP A 187 -13.80 8.60 -6.89
C ASP A 187 -15.24 8.60 -7.40
N ARG A 188 -15.49 8.02 -8.58
CA ARG A 188 -16.88 7.86 -9.08
C ARG A 188 -17.01 6.46 -9.67
N GLN A 189 -18.18 5.86 -9.59
CA GLN A 189 -18.36 4.48 -10.07
C GLN A 189 -18.43 4.44 -11.59
N THR A 190 -17.27 4.49 -12.25
CA THR A 190 -17.23 4.48 -13.73
C THR A 190 -16.58 3.19 -14.22
N ALA A 191 -16.21 3.14 -15.51
CA ALA A 191 -15.62 1.91 -16.09
C ALA A 191 -14.10 1.99 -16.06
N GLN A 192 -13.54 2.82 -15.18
CA GLN A 192 -12.06 2.93 -15.04
C GLN A 192 -11.48 1.53 -14.82
N ALA A 193 -10.32 1.25 -15.43
CA ALA A 193 -9.71 -0.06 -15.23
C ALA A 193 -8.22 0.12 -14.99
N ALA A 194 -7.65 -0.83 -14.24
CA ALA A 194 -6.20 -0.86 -14.08
C ALA A 194 -5.54 -1.05 -15.44
N GLY A 195 -4.45 -0.32 -15.67
CA GLY A 195 -3.63 -0.56 -16.82
C GLY A 195 -2.77 -1.81 -16.64
N THR A 196 -1.98 -2.11 -17.66
CA THR A 196 -1.13 -3.30 -17.57
C THR A 196 -0.09 -3.10 -16.48
N ASP A 197 0.19 -4.16 -15.74
CA ASP A 197 1.15 -4.11 -14.65
C ASP A 197 2.45 -4.81 -15.06
N THR A 198 3.51 -4.59 -14.27
CA THR A 198 4.79 -5.24 -14.48
C THR A 198 5.31 -5.73 -13.14
N THR A 199 6.32 -6.60 -13.18
CA THR A 199 6.97 -7.09 -11.96
C THR A 199 8.09 -6.16 -11.52
N ILE A 200 8.22 -5.98 -10.20
CA ILE A 200 9.15 -5.00 -9.62
C ILE A 200 10.50 -5.72 -9.48
N THR A 201 11.38 -5.53 -10.46
CA THR A 201 12.61 -6.31 -10.58
C THR A 201 13.53 -6.15 -9.37
N VAL A 202 13.75 -4.91 -8.92
CA VAL A 202 14.68 -4.71 -7.81
C VAL A 202 14.17 -5.47 -6.58
N ASN A 203 12.85 -5.55 -6.41
CA ASN A 203 12.29 -6.28 -5.27
C ASN A 203 12.53 -7.78 -5.40
N VAL A 204 12.31 -8.33 -6.61
CA VAL A 204 12.57 -9.76 -6.81
C VAL A 204 14.01 -10.08 -6.45
N LEU A 205 14.95 -9.22 -6.86
CA LEU A 205 16.35 -9.46 -6.51
C LEU A 205 16.58 -9.37 -5.01
N ALA A 206 15.94 -8.38 -4.35
CA ALA A 206 16.07 -8.29 -2.91
C ALA A 206 15.62 -9.58 -2.21
N TRP A 207 14.51 -10.15 -2.70
CA TRP A 207 13.96 -11.35 -2.13
C TRP A 207 14.87 -12.56 -2.40
N LEU A 208 15.50 -12.60 -3.58
CA LEU A 208 16.50 -13.66 -3.81
C LEU A 208 17.67 -13.54 -2.82
N TYR A 209 18.08 -12.31 -2.48
CA TYR A 209 19.08 -12.16 -1.44
C TYR A 209 18.57 -12.63 -0.09
N ALA A 210 17.32 -12.28 0.25
CA ALA A 210 16.72 -12.84 1.46
C ALA A 210 16.83 -14.36 1.49
N ALA A 211 16.55 -14.99 0.35
CA ALA A 211 16.56 -16.45 0.28
C ALA A 211 17.96 -16.98 0.56
N VAL A 212 18.98 -16.35 -0.02
CA VAL A 212 20.36 -16.78 0.23
C VAL A 212 20.71 -16.60 1.70
N ILE A 213 20.34 -15.45 2.28
CA ILE A 213 20.55 -15.21 3.70
C ILE A 213 19.90 -16.30 4.53
N ASN A 214 18.81 -16.86 4.04
CA ASN A 214 18.08 -17.90 4.76
C ASN A 214 18.44 -19.31 4.31
N GLY A 215 19.43 -19.48 3.43
CA GLY A 215 19.91 -20.80 3.08
C GLY A 215 19.32 -21.45 1.84
N ASP A 216 18.40 -20.79 1.14
CA ASP A 216 18.01 -21.25 -0.19
C ASP A 216 19.06 -20.78 -1.17
N ARG A 217 19.83 -21.73 -1.76
CA ARG A 217 20.86 -21.34 -2.71
C ARG A 217 20.78 -22.09 -4.04
N TRP A 218 19.75 -22.91 -4.27
CA TRP A 218 19.74 -23.82 -5.41
C TRP A 218 19.70 -23.08 -6.74
N PHE A 219 19.14 -21.86 -6.76
CA PHE A 219 18.98 -21.10 -8.00
C PHE A 219 20.24 -20.35 -8.37
N LEU A 220 21.25 -20.35 -7.53
CA LEU A 220 22.48 -19.65 -7.84
C LEU A 220 23.26 -20.37 -8.93
N ASN A 221 24.07 -19.61 -9.66
CA ASN A 221 24.88 -20.18 -10.72
C ASN A 221 26.18 -19.39 -10.80
N ARG A 222 27.11 -19.92 -11.59
CA ARG A 222 28.44 -19.34 -11.69
C ARG A 222 28.49 -18.15 -12.64
N PHE A 223 27.40 -17.86 -13.34
CA PHE A 223 27.38 -16.85 -14.39
C PHE A 223 27.15 -15.44 -13.84
N THR A 224 27.55 -14.47 -14.65
CA THR A 224 27.22 -13.07 -14.43
C THR A 224 26.78 -12.50 -15.77
N THR A 225 26.09 -11.37 -15.71
CA THR A 225 25.55 -10.71 -16.89
C THR A 225 25.81 -9.23 -16.78
N THR A 226 25.62 -8.56 -17.92
CA THR A 226 25.73 -7.09 -17.96
C THR A 226 24.32 -6.54 -17.74
N LEU A 227 24.23 -5.35 -17.16
CA LEU A 227 22.94 -4.72 -16.92
C LEU A 227 22.08 -4.68 -18.18
N ASN A 228 22.68 -4.46 -19.38
CA ASN A 228 21.89 -4.31 -20.61
C ASN A 228 21.29 -5.65 -21.09
N ASP A 229 22.14 -6.67 -21.17
CA ASP A 229 21.65 -8.02 -21.57
C ASP A 229 20.58 -8.46 -20.58
N PHE A 230 20.79 -8.20 -19.28
CA PHE A 230 19.77 -8.55 -18.27
C PHE A 230 18.47 -7.82 -18.61
N ASN A 231 18.53 -6.49 -18.74
CA ASN A 231 17.32 -5.73 -19.01
C ASN A 231 16.69 -6.11 -20.32
N LEU A 232 17.46 -6.66 -21.26
CA LEU A 232 16.88 -7.13 -22.50
C LEU A 232 15.99 -8.34 -22.23
N VAL A 233 16.40 -9.19 -21.30
CA VAL A 233 15.61 -10.36 -20.95
C VAL A 233 14.45 -9.98 -20.04
N ALA A 234 14.67 -9.04 -19.10
CA ALA A 234 13.60 -8.55 -18.24
C ALA A 234 12.42 -8.05 -19.06
N MET A 235 12.70 -7.11 -19.96
CA MET A 235 11.64 -6.53 -20.82
C MET A 235 10.79 -7.66 -21.40
N LYS A 236 11.44 -8.72 -21.91
CA LYS A 236 10.71 -9.79 -22.55
C LYS A 236 9.86 -10.60 -21.58
N TYR A 237 10.04 -10.43 -20.26
CA TYR A 237 9.20 -11.10 -19.28
C TYR A 237 8.32 -10.13 -18.50
N ASN A 238 8.21 -8.89 -18.98
CA ASN A 238 7.34 -7.89 -18.37
C ASN A 238 7.82 -7.54 -16.95
N TYR A 239 9.12 -7.34 -16.84
CA TYR A 239 9.81 -6.93 -15.63
C TYR A 239 10.28 -5.49 -15.82
N GLU A 240 10.26 -4.70 -14.75
CA GLU A 240 10.73 -3.31 -14.82
C GLU A 240 12.22 -3.32 -15.18
N PRO A 241 12.71 -2.28 -15.83
CA PRO A 241 14.15 -2.20 -16.06
C PRO A 241 14.91 -2.03 -14.76
N LEU A 242 16.09 -2.64 -14.70
CA LEU A 242 16.97 -2.47 -13.55
C LEU A 242 17.92 -1.33 -13.85
N THR A 243 18.03 -0.40 -12.91
CA THR A 243 18.90 0.76 -13.07
C THR A 243 20.12 0.65 -12.16
N GLN A 244 21.10 1.53 -12.37
CA GLN A 244 22.32 1.54 -11.56
C GLN A 244 22.00 1.89 -10.11
N ASP A 245 21.01 2.77 -9.93
CA ASP A 245 20.55 3.09 -8.56
C ASP A 245 20.02 1.82 -7.91
N HIS A 246 19.28 0.99 -8.65
CA HIS A 246 18.83 -0.28 -8.00
C HIS A 246 20.03 -1.15 -7.56
N VAL A 247 21.05 -1.23 -8.43
CA VAL A 247 22.26 -1.97 -8.09
C VAL A 247 22.88 -1.39 -6.83
N ASP A 248 23.00 -0.06 -6.78
CA ASP A 248 23.54 0.56 -5.57
C ASP A 248 22.70 0.23 -4.34
N ILE A 249 21.38 0.29 -4.46
CA ILE A 249 20.53 0.03 -3.30
C ILE A 249 20.71 -1.40 -2.82
N LEU A 250 20.97 -2.32 -3.75
CA LEU A 250 21.19 -3.73 -3.41
C LEU A 250 22.59 -4.00 -2.90
N GLY A 251 23.46 -2.98 -2.87
CA GLY A 251 24.82 -3.12 -2.40
C GLY A 251 24.98 -3.82 -1.07
N PRO A 252 24.36 -3.28 -0.02
CA PRO A 252 24.48 -3.91 1.30
C PRO A 252 24.17 -5.41 1.28
N LEU A 253 23.07 -5.79 0.65
CA LEU A 253 22.70 -7.20 0.54
C LEU A 253 23.74 -7.98 -0.24
N SER A 254 24.27 -7.38 -1.29
CA SER A 254 25.30 -8.03 -2.09
C SER A 254 26.56 -8.26 -1.26
N ALA A 255 26.90 -7.32 -0.38
CA ALA A 255 28.09 -7.47 0.44
C ALA A 255 27.89 -8.53 1.51
N GLN A 256 26.74 -8.48 2.19
CA GLN A 256 26.42 -9.46 3.21
C GLN A 256 26.55 -10.89 2.68
N THR A 257 26.08 -11.14 1.46
CA THR A 257 26.05 -12.48 0.90
C THR A 257 27.26 -12.81 0.03
N GLY A 258 28.09 -11.83 -0.30
CA GLY A 258 29.18 -12.07 -1.22
C GLY A 258 28.77 -12.37 -2.65
N ILE A 259 27.52 -12.10 -3.03
CA ILE A 259 27.03 -12.34 -4.38
C ILE A 259 26.79 -10.99 -5.06
N ALA A 260 27.58 -10.71 -6.10
CA ALA A 260 27.44 -9.45 -6.80
C ALA A 260 26.05 -9.33 -7.42
N VAL A 261 25.56 -8.10 -7.54
CA VAL A 261 24.21 -7.89 -8.06
C VAL A 261 24.07 -8.51 -9.44
N LEU A 262 25.04 -8.25 -10.33
CA LEU A 262 24.96 -8.79 -11.68
C LEU A 262 25.10 -10.31 -11.72
N ASP A 263 25.67 -10.91 -10.66
CA ASP A 263 25.67 -12.36 -10.56
C ASP A 263 24.29 -12.87 -10.19
N MET A 264 23.62 -12.18 -9.25
CA MET A 264 22.27 -12.57 -8.89
C MET A 264 21.35 -12.39 -10.10
N CYS A 265 21.60 -11.34 -10.90
CA CYS A 265 20.80 -11.11 -12.11
C CYS A 265 20.89 -12.28 -13.06
N ALA A 266 22.06 -12.90 -13.16
CA ALA A 266 22.18 -14.09 -13.98
C ALA A 266 21.29 -15.22 -13.45
N SER A 267 21.16 -15.34 -12.12
CA SER A 267 20.23 -16.32 -11.56
C SER A 267 18.80 -15.99 -11.93
N LEU A 268 18.42 -14.72 -11.79
CA LEU A 268 17.08 -14.31 -12.17
C LEU A 268 16.81 -14.59 -13.64
N LYS A 269 17.77 -14.29 -14.51
CA LYS A 269 17.62 -14.59 -15.93
C LYS A 269 17.30 -16.06 -16.17
N GLU A 270 18.04 -16.94 -15.48
CA GLU A 270 17.82 -18.39 -15.67
C GLU A 270 16.42 -18.76 -15.17
N LEU A 271 16.02 -18.24 -14.00
CA LEU A 271 14.73 -18.60 -13.44
C LEU A 271 13.61 -18.18 -14.38
N LEU A 272 13.77 -17.01 -15.00
CA LEU A 272 12.78 -16.52 -15.95
C LEU A 272 12.73 -17.42 -17.18
N GLN A 273 13.89 -17.84 -17.70
CA GLN A 273 13.94 -18.62 -18.93
C GLN A 273 13.59 -20.09 -18.70
N ASN A 274 13.83 -20.61 -17.49
CA ASN A 274 13.69 -22.04 -17.23
C ASN A 274 12.60 -22.40 -16.25
N GLY A 275 12.13 -21.47 -15.43
CA GLY A 275 11.18 -21.81 -14.37
C GLY A 275 11.92 -22.35 -13.15
N MET A 276 11.14 -22.85 -12.17
CA MET A 276 11.77 -23.37 -10.97
C MET A 276 11.87 -24.88 -10.95
N ASN A 277 11.28 -25.58 -11.92
CA ASN A 277 11.49 -27.05 -12.05
C ASN A 277 11.26 -27.79 -10.72
N GLY A 278 10.05 -27.70 -10.17
CA GLY A 278 9.68 -28.45 -8.98
C GLY A 278 10.06 -27.83 -7.66
N ARG A 279 10.78 -26.71 -7.69
CA ARG A 279 11.45 -26.20 -6.50
C ARG A 279 10.76 -24.94 -6.00
N THR A 280 11.07 -24.56 -4.77
CA THR A 280 10.50 -23.37 -4.17
C THR A 280 11.62 -22.52 -3.59
N ILE A 281 11.33 -21.23 -3.42
CA ILE A 281 12.24 -20.27 -2.80
C ILE A 281 11.48 -19.58 -1.67
N LEU A 282 11.99 -19.72 -0.45
CA LEU A 282 11.35 -19.09 0.72
C LEU A 282 9.88 -19.44 0.80
N GLY A 283 9.57 -20.72 0.52
CA GLY A 283 8.20 -21.19 0.56
C GLY A 283 7.32 -20.79 -0.61
N SER A 284 7.85 -20.19 -1.65
CA SER A 284 7.03 -19.76 -2.78
C SER A 284 7.47 -20.46 -4.07
N ALA A 285 6.49 -20.82 -4.90
CA ALA A 285 6.79 -21.36 -6.21
C ALA A 285 6.73 -20.29 -7.30
N LEU A 286 6.62 -19.02 -6.90
CA LEU A 286 6.63 -17.86 -7.78
C LEU A 286 7.71 -16.88 -7.34
N LEU A 287 8.15 -16.03 -8.26
CA LEU A 287 9.13 -15.02 -7.88
C LEU A 287 8.37 -13.86 -7.22
N GLU A 288 8.69 -13.56 -5.96
CA GLU A 288 7.96 -12.59 -5.14
C GLU A 288 8.53 -11.20 -5.31
N ASP A 289 7.67 -10.21 -5.55
CA ASP A 289 8.18 -8.84 -5.85
C ASP A 289 7.62 -7.80 -4.87
N GLU A 290 7.12 -8.22 -3.70
CA GLU A 290 6.51 -7.22 -2.78
C GLU A 290 7.40 -7.08 -1.54
N PHE A 291 8.71 -7.24 -1.70
CA PHE A 291 9.66 -7.00 -0.58
C PHE A 291 10.77 -6.08 -1.09
N THR A 292 10.85 -4.86 -0.57
CA THR A 292 11.91 -3.95 -1.00
C THR A 292 13.24 -4.40 -0.42
N PRO A 293 14.35 -3.88 -0.96
CA PRO A 293 15.66 -4.09 -0.30
C PRO A 293 15.66 -3.69 1.17
N PHE A 294 14.97 -2.59 1.51
CA PHE A 294 14.86 -2.16 2.91
C PHE A 294 14.14 -3.20 3.75
N ASP A 295 13.00 -3.70 3.26
CA ASP A 295 12.26 -4.73 3.99
C ASP A 295 13.15 -5.93 4.27
N VAL A 296 13.93 -6.36 3.28
CA VAL A 296 14.80 -7.53 3.48
C VAL A 296 15.82 -7.25 4.57
N VAL A 297 16.56 -6.15 4.45
CA VAL A 297 17.56 -5.81 5.47
C VAL A 297 16.93 -5.73 6.86
N ARG A 298 15.76 -5.12 6.97
CA ARG A 298 15.14 -4.93 8.27
C ARG A 298 14.76 -6.28 8.88
N GLN A 299 14.21 -7.16 8.06
CA GLN A 299 13.76 -8.45 8.58
C GLN A 299 14.90 -9.45 8.76
N CYS A 300 15.89 -9.47 7.87
CA CYS A 300 16.90 -10.52 7.83
C CYS A 300 18.09 -10.19 8.72
N SER A 301 18.72 -11.25 9.21
CA SER A 301 19.90 -11.10 10.07
C SER A 301 20.98 -10.29 9.37
N GLY A 302 21.69 -9.49 10.15
CA GLY A 302 22.88 -8.82 9.65
C GLY A 302 24.00 -9.78 9.32
N VAL A 303 23.89 -11.03 9.76
CA VAL A 303 24.86 -12.09 9.52
C VAL A 303 24.21 -13.11 8.58
N THR A 304 24.90 -13.46 7.49
CA THR A 304 24.42 -14.46 6.55
C THR A 304 24.73 -15.87 7.07
N PHE A 305 23.83 -16.80 6.77
CA PHE A 305 23.98 -18.19 7.18
C PHE A 305 24.75 -18.92 6.07
N GLN A 306 26.08 -18.81 6.16
CA GLN A 306 27.01 -19.28 5.12
C GLN A 306 27.06 -20.82 5.01
N LEU B 1 -17.44 -5.17 -13.51
CA LEU B 1 -17.61 -4.36 -14.74
C LEU B 1 -17.41 -2.88 -14.41
N LEU B 2 -17.96 -2.43 -13.29
CA LEU B 2 -17.85 -1.00 -12.90
C LEU B 2 -17.16 -0.87 -11.54
N SER B 3 -16.45 0.23 -11.32
CA SER B 3 -15.74 0.45 -10.06
C SER B 3 -16.71 0.54 -8.88
N GLN B 4 -16.20 0.17 -7.70
CA GLN B 4 -17.01 0.09 -6.48
C GLN B 4 -16.36 0.95 -5.40
N LEU B 5 -17.08 2.01 -5.00
CA LEU B 5 -16.65 2.79 -3.82
C LEU B 5 -17.04 1.89 -2.65
N GLN B 6 -16.16 1.72 -1.67
CA GLN B 6 -16.39 0.75 -0.60
C GLN B 6 -16.82 1.36 0.73
N GLY B 7 -17.75 2.31 0.69
CA GLY B 7 -18.46 2.72 1.89
C GLY B 7 -19.44 1.65 2.34
N GLN B 8 -20.19 1.99 3.39
CA GLN B 8 -21.17 1.11 4.02
C GLN B 8 -22.52 1.81 4.13
N SER B 9 -23.57 1.14 3.66
CA SER B 9 -24.93 1.69 3.79
C SER B 9 -25.83 0.72 4.55
#